data_8VYD
#
_entry.id   8VYD
#
_cell.length_a   37.670
_cell.length_b   97.280
_cell.length_c   89.020
_cell.angle_alpha   90.000
_cell.angle_beta   99.642
_cell.angle_gamma   90.000
#
_symmetry.space_group_name_H-M   'P 1 21 1'
#
loop_
_entity.id
_entity.type
_entity.pdbx_description
1 polymer 'SAM-dependent methyltransferase, UPF0020 family'
2 non-polymer 'SODIUM ION'
3 water water
#
_entity_poly.entity_id   1
_entity_poly.type   'polypeptide(L)'
_entity_poly.pdbx_seq_one_letter_code
;MEEIYYITFREARMLLASRGNVKLNLDLRKTNRVQEVEIKDEGAVFPDGTLVEREVLEKIARDDGTVYFVSNGGVYKAAI
AGESGFYKLVPTIPPTIEINGIAMHRTKEMNPLQDTRNKVNTVMPREGETVLDTCMGLGYTAIEASKRGAYVITIEKDPN
VIEIARINPWSRELFTGGKIQVIQGDAFEVVKKFKQASFDVIIHDPPRFSLAGHLYSEEFYRELFRILKPGGRLFHYVGN
PGKKYRRKDLQKGVMERLRRVGFVGVRRVEEALGVVARKPEKGVKASQRD
;
_entity_poly.pdbx_strand_id   A,B
#
loop_
_chem_comp.id
_chem_comp.type
_chem_comp.name
_chem_comp.formula
NA non-polymer 'SODIUM ION' 'Na 1'
#
# COMPACT_ATOMS: atom_id res chain seq x y z
N GLU A 2 -25.87 -3.65 12.72
CA GLU A 2 -25.77 -2.76 13.87
C GLU A 2 -24.35 -2.18 13.96
N GLU A 3 -23.41 -3.04 14.33
CA GLU A 3 -22.00 -2.67 14.40
C GLU A 3 -21.43 -2.50 12.99
N ILE A 4 -20.46 -1.61 12.87
CA ILE A 4 -19.74 -1.43 11.62
C ILE A 4 -18.34 -2.04 11.78
N TYR A 5 -17.95 -2.83 10.80
CA TYR A 5 -16.60 -3.35 10.72
C TYR A 5 -15.87 -2.60 9.63
N TYR A 6 -14.83 -1.88 10.04
CA TYR A 6 -13.97 -1.17 9.09
C TYR A 6 -12.84 -2.08 8.64
N ILE A 7 -12.64 -2.15 7.33
CA ILE A 7 -11.59 -2.97 6.75
C ILE A 7 -10.90 -2.19 5.64
N THR A 8 -9.59 -2.29 5.61
CA THR A 8 -8.77 -1.69 4.58
C THR A 8 -7.95 -2.78 3.88
N PHE A 9 -7.16 -2.37 2.90
CA PHE A 9 -6.26 -3.31 2.21
C PHE A 9 -5.49 -4.17 3.20
N ARG A 10 -5.08 -3.59 4.33
CA ARG A 10 -4.28 -4.34 5.30
C ARG A 10 -5.03 -5.58 5.77
N GLU A 11 -6.31 -5.41 6.10
CA GLU A 11 -7.09 -6.53 6.60
C GLU A 11 -7.40 -7.54 5.50
N ALA A 12 -7.70 -7.04 4.30
CA ALA A 12 -8.06 -7.95 3.21
C ALA A 12 -6.90 -8.85 2.83
N ARG A 13 -5.70 -8.28 2.71
CA ARG A 13 -4.51 -9.08 2.46
C ARG A 13 -4.35 -10.14 3.54
N MET A 14 -4.48 -9.72 4.80
CA MET A 14 -4.43 -10.66 5.91
C MET A 14 -5.39 -11.83 5.69
N LEU A 15 -6.64 -11.52 5.36
CA LEU A 15 -7.64 -12.57 5.29
C LEU A 15 -7.46 -13.46 4.05
N LEU A 16 -6.94 -12.91 2.94
CA LEU A 16 -6.72 -13.74 1.77
C LEU A 16 -5.55 -14.68 1.96
N ALA A 17 -4.60 -14.33 2.82
CA ALA A 17 -3.39 -15.11 3.01
C ALA A 17 -3.37 -15.91 4.31
N SER A 18 -4.39 -15.76 5.14
CA SER A 18 -4.43 -16.43 6.43
C SER A 18 -5.40 -17.61 6.37
N ARG A 19 -5.35 -18.45 7.39
CA ARG A 19 -6.12 -19.68 7.40
C ARG A 19 -7.07 -19.74 8.60
N GLY A 20 -8.07 -20.60 8.48
CA GLY A 20 -9.04 -20.82 9.53
C GLY A 20 -9.66 -19.55 10.10
N ASN A 21 -9.09 -19.05 11.20
CA ASN A 21 -9.67 -17.96 11.97
C ASN A 21 -8.56 -17.06 12.47
N VAL A 22 -8.79 -15.75 12.37
CA VAL A 22 -7.81 -14.75 12.77
C VAL A 22 -8.50 -13.70 13.63
N LYS A 23 -7.70 -13.03 14.45
CA LYS A 23 -8.14 -11.95 15.32
C LYS A 23 -7.68 -10.63 14.70
N LEU A 24 -8.62 -9.80 14.26
CA LEU A 24 -8.20 -8.58 13.60
C LEU A 24 -9.04 -7.40 14.07
N ASN A 25 -8.44 -6.22 13.93
CA ASN A 25 -8.99 -4.97 14.39
C ASN A 25 -9.88 -4.38 13.31
N LEU A 26 -11.10 -3.99 13.70
CA LEU A 26 -12.13 -3.60 12.74
C LEU A 26 -12.64 -2.19 12.96
N ASP A 27 -11.87 -1.33 13.61
CA ASP A 27 -12.24 0.08 13.65
C ASP A 27 -11.06 0.97 13.32
N LEU A 28 -10.16 0.47 12.46
CA LEU A 28 -9.06 1.26 11.92
C LEU A 28 -8.09 1.68 13.02
N ARG A 29 -7.77 0.74 13.93
CA ARG A 29 -6.88 0.98 15.07
C ARG A 29 -7.40 2.06 16.00
N LYS A 30 -8.69 2.40 15.94
CA LYS A 30 -9.20 3.41 16.87
C LYS A 30 -9.20 2.91 18.30
N THR A 31 -9.60 1.64 18.50
CA THR A 31 -9.81 1.09 19.83
C THR A 31 -8.98 -0.14 20.13
N ASN A 32 -8.01 -0.51 19.28
CA ASN A 32 -6.99 -1.47 19.68
C ASN A 32 -7.60 -2.87 19.85
N ARG A 33 -8.92 -2.96 20.03
CA ARG A 33 -9.59 -4.25 20.17
C ARG A 33 -9.57 -5.03 18.86
N VAL A 34 -9.36 -6.34 18.98
CA VAL A 34 -9.43 -7.24 17.83
C VAL A 34 -10.66 -8.14 17.99
N GLN A 35 -11.15 -8.62 16.85
CA GLN A 35 -12.28 -9.52 16.80
C GLN A 35 -11.97 -10.69 15.85
N GLU A 36 -12.63 -11.82 16.08
CA GLU A 36 -12.34 -13.00 15.29
C GLU A 36 -13.21 -13.04 14.05
N VAL A 37 -12.57 -13.30 12.90
CA VAL A 37 -13.24 -13.48 11.62
C VAL A 37 -12.80 -14.84 11.09
N GLU A 38 -13.73 -15.77 10.97
CA GLU A 38 -13.37 -17.08 10.45
C GLU A 38 -13.31 -17.03 8.93
N ILE A 39 -12.25 -17.63 8.39
CA ILE A 39 -11.98 -17.62 6.96
C ILE A 39 -12.53 -18.89 6.34
N LYS A 40 -13.25 -18.72 5.24
CA LYS A 40 -13.75 -19.84 4.47
C LYS A 40 -13.25 -19.76 3.04
N ASP A 41 -13.48 -20.81 2.28
CA ASP A 41 -13.05 -20.84 0.87
C ASP A 41 -13.70 -19.72 0.07
N GLU A 42 -14.98 -19.48 0.30
CA GLU A 42 -15.68 -18.46 -0.44
C GLU A 42 -15.49 -17.06 0.13
N GLY A 43 -14.95 -16.94 1.34
CA GLY A 43 -14.68 -15.63 1.88
C GLY A 43 -14.41 -15.67 3.36
N ALA A 44 -14.65 -14.54 4.01
CA ALA A 44 -14.46 -14.40 5.43
C ALA A 44 -15.79 -13.98 6.03
N VAL A 45 -16.19 -14.63 7.12
CA VAL A 45 -17.41 -14.25 7.80
C VAL A 45 -17.01 -13.53 9.08
N PHE A 46 -17.66 -12.40 9.33
CA PHE A 46 -17.25 -11.41 10.29
C PHE A 46 -17.97 -11.66 11.61
N PRO A 47 -17.71 -10.88 12.68
CA PRO A 47 -18.39 -11.19 13.96
C PRO A 47 -19.88 -10.93 13.96
N ASP A 48 -20.46 -10.49 12.83
CA ASP A 48 -21.90 -10.39 12.68
C ASP A 48 -22.52 -11.53 11.88
N GLY A 49 -21.73 -12.26 11.10
CA GLY A 49 -22.23 -13.32 10.27
C GLY A 49 -22.27 -12.99 8.79
N THR A 50 -21.94 -11.76 8.41
CA THR A 50 -21.82 -11.43 7.00
C THR A 50 -20.56 -12.06 6.43
N LEU A 51 -20.70 -12.73 5.29
CA LEU A 51 -19.55 -13.27 4.59
C LEU A 51 -19.20 -12.26 3.50
N VAL A 52 -18.05 -11.62 3.67
CA VAL A 52 -17.44 -10.86 2.59
C VAL A 52 -16.69 -11.86 1.72
N GLU A 53 -17.14 -12.02 0.48
CA GLU A 53 -16.59 -13.07 -0.37
C GLU A 53 -15.23 -12.68 -0.92
N ARG A 54 -14.40 -13.71 -1.15
CA ARG A 54 -13.03 -13.56 -1.63
C ARG A 54 -12.93 -12.49 -2.71
N GLU A 55 -13.90 -12.50 -3.64
CA GLU A 55 -13.99 -11.48 -4.67
C GLU A 55 -13.84 -10.07 -4.10
N VAL A 56 -14.61 -9.77 -3.05
CA VAL A 56 -14.55 -8.44 -2.45
C VAL A 56 -13.19 -8.19 -1.82
N LEU A 57 -12.72 -9.14 -0.98
CA LEU A 57 -11.44 -8.95 -0.30
C LEU A 57 -10.30 -8.78 -1.28
N GLU A 58 -10.27 -9.57 -2.35
CA GLU A 58 -9.26 -9.35 -3.37
C GLU A 58 -9.32 -7.92 -3.91
N LYS A 59 -10.51 -7.46 -4.28
CA LYS A 59 -10.68 -6.09 -4.75
C LYS A 59 -10.09 -5.08 -3.77
N ILE A 60 -10.46 -5.19 -2.49
N ILE A 60 -10.46 -5.18 -2.48
CA ILE A 60 -9.96 -4.20 -1.57
CA ILE A 60 -9.96 -4.18 -1.54
C ILE A 60 -8.51 -4.48 -1.20
C ILE A 60 -8.58 -4.54 -1.00
N ALA A 61 -8.06 -5.75 -1.29
CA ALA A 61 -6.65 -6.04 -1.02
C ALA A 61 -5.74 -5.32 -2.01
N ARG A 62 -6.23 -5.09 -3.23
CA ARG A 62 -5.50 -4.39 -4.27
C ARG A 62 -5.72 -2.89 -4.29
N ASP A 63 -6.74 -2.37 -3.59
CA ASP A 63 -7.05 -0.94 -3.57
C ASP A 63 -6.69 -0.42 -2.19
N ASP A 64 -5.46 0.08 -2.06
CA ASP A 64 -4.98 0.61 -0.79
C ASP A 64 -5.27 2.09 -0.65
N GLY A 65 -6.20 2.61 -1.43
CA GLY A 65 -6.46 4.03 -1.41
C GLY A 65 -7.82 4.40 -0.84
N THR A 66 -8.59 3.42 -0.37
CA THR A 66 -9.91 3.70 0.19
C THR A 66 -10.18 2.80 1.38
N VAL A 67 -10.95 3.28 2.33
N VAL A 67 -10.97 3.34 2.33
CA VAL A 67 -11.36 2.45 3.45
CA VAL A 67 -11.51 2.61 3.47
C VAL A 67 -12.78 1.97 3.20
C VAL A 67 -12.81 1.94 3.06
N TYR A 68 -13.02 0.71 3.54
CA TYR A 68 -14.28 0.02 3.31
C TYR A 68 -14.90 -0.31 4.65
N PHE A 69 -16.21 -0.56 4.64
CA PHE A 69 -16.85 -0.97 5.89
C PHE A 69 -18.03 -1.88 5.60
N VAL A 70 -18.37 -2.70 6.59
CA VAL A 70 -19.40 -3.72 6.49
C VAL A 70 -20.54 -3.30 7.41
N SER A 71 -21.67 -2.90 6.81
CA SER A 71 -22.76 -2.31 7.56
C SER A 71 -24.07 -2.89 7.05
N ASN A 72 -24.87 -3.43 7.97
CA ASN A 72 -26.03 -4.21 7.59
C ASN A 72 -25.58 -5.31 6.62
N GLY A 73 -26.35 -5.52 5.55
CA GLY A 73 -26.11 -6.70 4.74
C GLY A 73 -24.74 -6.74 4.08
N GLY A 74 -24.17 -5.58 3.72
CA GLY A 74 -23.18 -5.56 2.68
C GLY A 74 -21.99 -4.67 3.00
N VAL A 75 -21.00 -4.79 2.14
CA VAL A 75 -19.76 -4.04 2.20
C VAL A 75 -19.95 -2.73 1.45
N TYR A 76 -19.26 -1.70 1.92
CA TYR A 76 -19.45 -0.37 1.38
C TYR A 76 -18.12 0.35 1.35
N LYS A 77 -18.06 1.37 0.51
CA LYS A 77 -16.85 2.13 0.26
C LYS A 77 -17.03 3.49 0.93
N ALA A 78 -16.11 3.86 1.80
CA ALA A 78 -16.20 5.12 2.53
C ALA A 78 -15.83 6.24 1.58
N ALA A 79 -16.79 6.58 0.73
CA ALA A 79 -16.60 7.67 -0.21
C ALA A 79 -17.96 8.32 -0.45
N ILE A 80 -17.92 9.50 -1.07
CA ILE A 80 -19.13 10.24 -1.42
C ILE A 80 -18.87 10.99 -2.71
N ALA A 81 -19.76 10.85 -3.68
CA ALA A 81 -19.77 11.71 -4.86
C ALA A 81 -20.72 12.87 -4.61
N GLY A 82 -20.23 14.10 -4.82
CA GLY A 82 -21.08 15.24 -4.59
C GLY A 82 -20.67 16.53 -5.26
N GLU A 83 -21.65 17.24 -5.82
CA GLU A 83 -21.48 18.59 -6.33
C GLU A 83 -20.48 18.55 -7.50
N SER A 84 -19.21 18.87 -7.26
CA SER A 84 -18.18 18.73 -8.27
C SER A 84 -16.98 17.94 -7.77
N GLY A 85 -16.96 17.58 -6.49
CA GLY A 85 -15.87 16.79 -5.95
C GLY A 85 -16.26 15.36 -5.66
N PHE A 86 -15.25 14.49 -5.54
CA PHE A 86 -15.41 13.12 -5.09
C PHE A 86 -14.52 12.91 -3.87
N TYR A 87 -15.15 12.72 -2.72
CA TYR A 87 -14.47 12.61 -1.44
C TYR A 87 -14.36 11.14 -1.03
N LYS A 88 -13.28 10.83 -0.33
CA LYS A 88 -13.10 9.48 0.16
C LYS A 88 -12.19 9.52 1.38
N LEU A 89 -12.44 8.59 2.29
CA LEU A 89 -11.56 8.37 3.44
C LEU A 89 -10.45 7.42 3.01
N VAL A 90 -9.21 7.79 3.33
CA VAL A 90 -8.01 7.13 2.83
C VAL A 90 -7.41 6.33 3.97
N PRO A 91 -7.06 5.07 3.77
CA PRO A 91 -6.64 4.20 4.87
C PRO A 91 -5.22 4.43 5.38
N THR A 92 -4.91 5.69 5.66
CA THR A 92 -3.72 5.96 6.45
C THR A 92 -4.04 5.70 7.91
N ILE A 93 -3.01 5.74 8.76
CA ILE A 93 -3.21 5.64 10.20
C ILE A 93 -2.77 6.97 10.83
N PRO A 94 -3.69 7.82 11.28
CA PRO A 94 -5.14 7.66 11.17
C PRO A 94 -5.62 8.01 9.78
N PRO A 95 -6.90 7.73 9.48
CA PRO A 95 -7.41 8.05 8.15
C PRO A 95 -7.27 9.52 7.79
N THR A 96 -7.01 9.78 6.50
N THR A 96 -7.02 9.77 6.51
CA THR A 96 -7.06 11.13 5.96
CA THR A 96 -7.02 11.11 5.94
C THR A 96 -8.13 11.18 4.89
C THR A 96 -8.12 11.17 4.89
N ILE A 97 -8.57 12.38 4.58
CA ILE A 97 -9.61 12.60 3.59
C ILE A 97 -8.98 12.96 2.25
N GLU A 98 -9.63 12.53 1.17
CA GLU A 98 -9.21 12.94 -0.16
C GLU A 98 -10.40 13.54 -0.88
N ILE A 99 -10.24 14.79 -1.32
N ILE A 99 -10.32 14.82 -1.22
CA ILE A 99 -11.24 15.55 -2.06
CA ILE A 99 -11.36 15.42 -2.05
C ILE A 99 -10.75 15.60 -3.50
C ILE A 99 -10.75 15.53 -3.44
N ASN A 100 -11.30 14.74 -4.36
CA ASN A 100 -10.70 14.48 -5.68
C ASN A 100 -9.26 14.01 -5.52
N GLY A 101 -8.38 14.89 -5.02
CA GLY A 101 -7.06 14.52 -4.54
C GLY A 101 -6.42 15.59 -3.67
N ILE A 102 -6.49 15.46 -2.34
CA ILE A 102 -5.93 16.43 -1.40
C ILE A 102 -5.40 15.71 -0.17
N ALA A 103 -4.40 16.32 0.49
CA ALA A 103 -3.94 15.91 1.81
C ALA A 103 -5.05 15.96 2.85
N MET A 110 7.72 9.59 14.87
CA MET A 110 6.33 9.35 14.48
C MET A 110 5.73 10.64 13.95
N ASN A 111 4.83 10.52 12.96
N ASN A 111 4.83 10.53 12.97
CA ASN A 111 4.38 11.71 12.25
CA ASN A 111 4.39 11.72 12.25
C ASN A 111 2.98 12.17 12.65
C ASN A 111 2.98 12.17 12.65
N PRO A 112 1.91 11.47 12.24
CA PRO A 112 0.59 12.14 12.16
C PRO A 112 -0.06 12.55 13.47
N LEU A 113 -0.52 11.59 14.28
CA LEU A 113 -1.28 11.99 15.45
C LEU A 113 -0.42 12.72 16.48
N GLN A 114 0.90 12.53 16.48
CA GLN A 114 1.76 13.40 17.27
C GLN A 114 1.67 14.85 16.78
N ASP A 115 1.58 15.04 15.45
CA ASP A 115 1.53 16.39 14.90
C ASP A 115 0.32 17.15 15.42
N THR A 116 -0.85 16.50 15.51
CA THR A 116 -2.00 17.22 16.03
C THR A 116 -1.87 17.47 17.53
N ARG A 117 -1.16 16.61 18.24
CA ARG A 117 -0.89 16.90 19.65
C ARG A 117 0.12 18.04 19.77
N ASN A 118 1.10 18.11 18.87
CA ASN A 118 2.02 19.25 18.91
C ASN A 118 1.28 20.56 18.64
N LYS A 119 0.35 20.54 17.68
CA LYS A 119 -0.43 21.73 17.38
C LYS A 119 -1.23 22.19 18.60
N VAL A 120 -2.03 21.30 19.19
CA VAL A 120 -2.83 21.65 20.34
C VAL A 120 -1.94 21.99 21.53
N ASN A 121 -0.76 21.39 21.62
CA ASN A 121 0.12 21.72 22.74
C ASN A 121 0.59 23.16 22.71
N THR A 122 0.57 23.82 21.54
CA THR A 122 1.06 25.20 21.49
C THR A 122 0.20 26.12 22.33
N VAL A 123 -1.10 25.88 22.38
CA VAL A 123 -2.03 26.75 23.08
C VAL A 123 -2.58 26.12 24.36
N MET A 124 -2.34 24.83 24.58
CA MET A 124 -2.60 24.17 25.85
C MET A 124 -4.03 24.46 26.36
N PRO A 125 -5.06 24.06 25.62
CA PRO A 125 -6.44 24.36 26.06
C PRO A 125 -6.78 23.61 27.32
N ARG A 126 -7.38 24.31 28.28
CA ARG A 126 -7.64 23.78 29.61
C ARG A 126 -9.13 23.57 29.81
N GLU A 127 -9.45 22.72 30.78
CA GLU A 127 -10.83 22.59 31.26
C GLU A 127 -11.38 23.97 31.64
N GLY A 128 -12.64 24.21 31.25
CA GLY A 128 -13.29 25.49 31.48
C GLY A 128 -13.09 26.52 30.40
N GLU A 129 -12.35 26.19 29.35
CA GLU A 129 -12.05 27.13 28.28
C GLU A 129 -12.84 26.78 27.02
N THR A 130 -13.01 27.77 26.15
CA THR A 130 -13.72 27.59 24.89
C THR A 130 -12.74 27.85 23.75
N VAL A 131 -12.62 26.90 22.83
CA VAL A 131 -11.62 27.01 21.76
C VAL A 131 -12.34 27.08 20.43
N LEU A 132 -11.76 27.83 19.52
CA LEU A 132 -12.24 27.92 18.15
C LEU A 132 -11.23 27.24 17.27
N ASP A 133 -11.67 26.22 16.54
CA ASP A 133 -10.86 25.54 15.56
C ASP A 133 -11.44 25.90 14.19
N THR A 134 -10.72 26.75 13.44
CA THR A 134 -11.27 27.41 12.25
C THR A 134 -11.48 26.50 11.05
N CYS A 135 -10.72 25.42 10.90
N CYS A 135 -10.75 25.40 10.94
CA CYS A 135 -10.88 24.51 9.77
CA CYS A 135 -10.82 24.49 9.79
C CYS A 135 -10.87 23.06 10.28
C CYS A 135 -10.87 23.05 10.30
N MET A 136 -12.07 22.46 10.37
CA MET A 136 -12.22 21.08 10.84
C MET A 136 -11.29 20.08 10.17
N GLY A 137 -11.46 19.91 8.86
CA GLY A 137 -10.99 18.70 8.20
C GLY A 137 -11.75 17.52 8.79
N LEU A 138 -11.01 16.51 9.25
CA LEU A 138 -11.65 15.37 9.89
C LEU A 138 -11.87 15.61 11.38
N GLY A 139 -11.49 16.76 11.91
CA GLY A 139 -11.78 17.09 13.28
C GLY A 139 -10.71 16.71 14.26
N TYR A 140 -9.54 16.27 13.80
CA TYR A 140 -8.57 15.68 14.72
C TYR A 140 -8.03 16.70 15.68
N THR A 141 -7.82 17.94 15.20
CA THR A 141 -7.35 18.98 16.11
C THR A 141 -8.45 19.40 17.07
N ALA A 142 -9.69 19.48 16.58
CA ALA A 142 -10.82 19.81 17.44
C ALA A 142 -10.98 18.76 18.52
N ILE A 143 -10.91 17.48 18.15
CA ILE A 143 -11.08 16.40 19.12
C ILE A 143 -9.95 16.40 20.15
N GLU A 144 -8.70 16.51 19.71
CA GLU A 144 -7.58 16.54 20.64
C GLU A 144 -7.70 17.70 21.63
N ALA A 145 -8.15 18.87 21.16
CA ALA A 145 -8.33 20.01 22.06
C ALA A 145 -9.46 19.79 23.05
N SER A 146 -10.46 19.00 22.68
CA SER A 146 -11.57 18.72 23.58
C SER A 146 -11.21 17.63 24.59
N LYS A 147 -10.35 16.69 24.20
CA LYS A 147 -9.90 15.68 25.15
C LYS A 147 -9.12 16.30 26.30
N ARG A 148 -8.70 17.55 26.20
CA ARG A 148 -8.05 18.22 27.31
C ARG A 148 -9.04 18.82 28.30
N GLY A 149 -10.32 18.88 27.95
CA GLY A 149 -11.34 19.44 28.82
C GLY A 149 -12.03 20.67 28.28
N ALA A 150 -11.55 21.22 27.17
CA ALA A 150 -12.11 22.46 26.65
C ALA A 150 -13.33 22.17 25.77
N TYR A 151 -14.22 23.15 25.69
CA TYR A 151 -15.34 23.09 24.75
C TYR A 151 -14.91 23.67 23.41
N VAL A 152 -15.08 22.91 22.34
CA VAL A 152 -14.53 23.25 21.03
C VAL A 152 -15.62 23.58 20.03
N ILE A 153 -15.45 24.69 19.33
CA ILE A 153 -16.26 25.03 18.17
C ILE A 153 -15.36 24.92 16.95
N THR A 154 -15.82 24.20 15.93
CA THR A 154 -14.96 23.94 14.80
C THR A 154 -15.79 24.14 13.54
N ILE A 155 -15.17 24.81 12.56
CA ILE A 155 -15.86 25.24 11.35
C ILE A 155 -15.42 24.35 10.20
N GLU A 156 -16.38 23.91 9.39
CA GLU A 156 -16.10 23.11 8.20
C GLU A 156 -16.89 23.70 7.04
N LYS A 157 -16.17 24.11 5.99
CA LYS A 157 -16.83 24.75 4.85
C LYS A 157 -17.62 23.75 4.03
N ASP A 158 -17.14 22.51 3.93
CA ASP A 158 -17.68 21.57 2.96
C ASP A 158 -18.58 20.56 3.64
N PRO A 159 -19.88 20.55 3.36
CA PRO A 159 -20.75 19.54 4.01
C PRO A 159 -20.39 18.10 3.66
N ASN A 160 -19.60 17.87 2.62
CA ASN A 160 -19.18 16.50 2.33
C ASN A 160 -18.00 16.06 3.20
N VAL A 161 -17.18 17.01 3.66
CA VAL A 161 -16.15 16.68 4.64
C VAL A 161 -16.79 16.23 5.94
N ILE A 162 -17.86 16.93 6.34
CA ILE A 162 -18.60 16.58 7.55
C ILE A 162 -19.19 15.19 7.43
N GLU A 163 -19.78 14.87 6.28
CA GLU A 163 -20.41 13.57 6.10
C GLU A 163 -19.38 12.46 6.10
N ILE A 164 -18.20 12.69 5.51
CA ILE A 164 -17.13 11.70 5.54
C ILE A 164 -16.61 11.53 6.97
N ALA A 165 -16.50 12.63 7.71
CA ALA A 165 -16.10 12.52 9.10
C ALA A 165 -17.06 11.62 9.86
N ARG A 166 -18.32 11.60 9.43
CA ARG A 166 -19.38 10.88 10.15
C ARG A 166 -19.19 9.37 10.10
N ILE A 167 -18.56 8.84 9.06
CA ILE A 167 -18.32 7.41 8.97
C ILE A 167 -16.90 7.03 9.35
N ASN A 168 -16.08 8.00 9.76
CA ASN A 168 -14.73 7.76 10.21
C ASN A 168 -14.74 7.52 11.72
N PRO A 169 -14.35 6.33 12.20
CA PRO A 169 -14.34 6.10 13.65
C PRO A 169 -13.42 7.02 14.40
N TRP A 170 -12.47 7.67 13.72
CA TRP A 170 -11.55 8.59 14.38
C TRP A 170 -12.11 9.99 14.53
N SER A 171 -13.22 10.31 13.87
CA SER A 171 -13.87 11.60 14.03
C SER A 171 -15.10 11.50 14.92
N ARG A 172 -15.33 10.33 15.54
CA ARG A 172 -16.60 10.04 16.22
C ARG A 172 -16.95 11.13 17.24
N GLU A 173 -15.97 11.64 17.98
CA GLU A 173 -16.27 12.59 19.05
C GLU A 173 -16.80 13.92 18.52
N LEU A 174 -16.67 14.19 17.22
CA LEU A 174 -17.37 15.34 16.66
C LEU A 174 -18.87 15.24 16.80
N PHE A 175 -19.41 14.01 16.92
CA PHE A 175 -20.85 13.81 16.89
C PHE A 175 -21.44 13.11 18.11
N THR A 176 -20.64 12.66 19.07
CA THR A 176 -21.18 11.93 20.23
C THR A 176 -21.55 12.92 21.32
N GLY A 177 -22.75 13.48 21.17
CA GLY A 177 -23.23 14.46 22.14
C GLY A 177 -22.49 15.77 21.97
N GLY A 178 -21.98 16.30 23.08
CA GLY A 178 -21.24 17.54 23.06
C GLY A 178 -19.90 17.39 23.77
N LYS A 179 -19.20 18.52 23.84
CA LYS A 179 -17.76 18.72 24.05
C LYS A 179 -17.29 19.49 22.84
N ILE A 180 -17.86 19.18 21.67
CA ILE A 180 -17.50 19.77 20.40
C ILE A 180 -18.77 20.07 19.63
N GLN A 181 -18.79 21.23 18.97
CA GLN A 181 -19.92 21.65 18.16
C GLN A 181 -19.42 22.07 16.79
N VAL A 182 -20.13 21.62 15.76
CA VAL A 182 -19.65 21.69 14.39
C VAL A 182 -20.48 22.72 13.67
N ILE A 183 -19.83 23.74 13.14
CA ILE A 183 -20.48 24.79 12.38
C ILE A 183 -20.11 24.55 10.93
N GLN A 184 -21.11 24.39 10.06
CA GLN A 184 -20.85 24.35 8.65
C GLN A 184 -20.96 25.75 8.11
N GLY A 185 -19.90 26.24 7.47
CA GLY A 185 -19.97 27.53 6.83
C GLY A 185 -18.59 28.04 6.49
N ASP A 186 -18.57 29.30 6.07
CA ASP A 186 -17.34 29.93 5.60
C ASP A 186 -16.68 30.65 6.77
N ALA A 187 -15.50 30.18 7.14
CA ALA A 187 -14.88 30.62 8.39
C ALA A 187 -14.67 32.13 8.41
N PHE A 188 -14.35 32.72 7.26
CA PHE A 188 -14.11 34.14 7.20
C PHE A 188 -15.38 34.90 7.53
N GLU A 189 -16.53 34.35 7.13
CA GLU A 189 -17.79 34.99 7.43
C GLU A 189 -18.32 34.56 8.79
N VAL A 190 -18.14 33.30 9.17
CA VAL A 190 -18.66 32.83 10.46
C VAL A 190 -18.11 33.65 11.61
N VAL A 191 -16.79 33.83 11.65
CA VAL A 191 -16.16 34.53 12.78
C VAL A 191 -16.75 35.91 12.98
N LYS A 192 -17.27 36.53 11.90
CA LYS A 192 -17.90 37.84 12.02
C LYS A 192 -19.10 37.81 12.95
N LYS A 193 -19.86 36.71 12.94
N LYS A 193 -19.87 36.71 12.93
CA LYS A 193 -21.06 36.58 13.77
CA LYS A 193 -21.04 36.64 13.80
C LYS A 193 -20.75 35.99 15.16
C LYS A 193 -20.64 36.41 15.25
N PHE A 194 -19.47 35.80 15.48
CA PHE A 194 -19.08 35.44 16.84
C PHE A 194 -19.01 36.69 17.71
N LYS A 195 -19.40 36.54 18.98
CA LYS A 195 -19.32 37.66 19.90
C LYS A 195 -17.87 37.94 20.29
N GLN A 196 -17.58 39.20 20.59
CA GLN A 196 -16.26 39.59 21.08
C GLN A 196 -15.92 38.87 22.37
N ALA A 197 -14.63 38.62 22.56
CA ALA A 197 -14.07 37.93 23.72
C ALA A 197 -14.89 36.69 24.08
N SER A 198 -15.02 35.80 23.09
CA SER A 198 -15.74 34.53 23.14
C SER A 198 -14.82 33.38 23.54
N PHE A 199 -13.59 33.39 23.04
CA PHE A 199 -12.75 32.20 22.98
C PHE A 199 -11.48 32.38 23.78
N ASP A 200 -11.13 31.37 24.55
CA ASP A 200 -9.85 31.34 25.23
C ASP A 200 -8.71 31.02 24.28
N VAL A 201 -8.93 30.16 23.29
CA VAL A 201 -7.88 29.87 22.33
C VAL A 201 -8.50 29.66 20.95
N ILE A 202 -7.71 29.96 19.93
CA ILE A 202 -8.08 29.74 18.54
C ILE A 202 -6.96 28.92 17.92
N ILE A 203 -7.33 27.89 17.17
CA ILE A 203 -6.35 27.11 16.41
C ILE A 203 -6.69 27.32 14.94
N HIS A 204 -5.80 28.03 14.24
CA HIS A 204 -6.04 28.41 12.85
C HIS A 204 -5.13 27.56 11.99
N ASP A 205 -5.73 26.64 11.23
CA ASP A 205 -5.00 25.70 10.37
C ASP A 205 -5.58 25.75 8.97
N PRO A 206 -5.39 26.86 8.25
CA PRO A 206 -6.11 27.06 6.99
C PRO A 206 -5.47 26.27 5.86
N PRO A 207 -6.13 26.19 4.70
CA PRO A 207 -5.46 25.71 3.48
C PRO A 207 -4.28 26.60 3.12
N ARG A 208 -3.52 26.16 2.13
CA ARG A 208 -2.34 26.89 1.72
C ARG A 208 -2.71 28.29 1.23
N PHE A 209 -1.80 29.25 1.42
CA PHE A 209 -1.94 30.62 0.96
C PHE A 209 -2.66 30.77 -0.37
N SER A 210 -2.13 30.14 -1.42
CA SER A 210 -2.63 30.35 -2.77
C SER A 210 -4.08 29.94 -2.93
N LEU A 211 -4.58 29.05 -2.08
CA LEU A 211 -5.96 28.61 -2.17
C LEU A 211 -6.86 29.19 -1.08
N ALA A 212 -6.31 29.91 -0.11
CA ALA A 212 -7.10 30.45 1.01
C ALA A 212 -6.53 31.79 1.49
N GLY A 213 -6.25 32.69 0.55
CA GLY A 213 -5.57 33.93 0.90
C GLY A 213 -6.32 34.76 1.94
N HIS A 214 -7.66 34.74 1.88
CA HIS A 214 -8.44 35.56 2.80
C HIS A 214 -8.35 35.10 4.24
N LEU A 215 -7.95 33.85 4.49
CA LEU A 215 -7.70 33.37 5.85
C LEU A 215 -6.31 33.75 6.35
N TYR A 216 -5.54 34.51 5.57
CA TYR A 216 -4.29 35.09 6.00
C TYR A 216 -4.35 36.61 5.99
N SER A 217 -5.54 37.18 5.79
CA SER A 217 -5.69 38.62 5.64
C SER A 217 -5.79 39.31 7.01
N GLU A 218 -5.37 40.58 7.05
CA GLU A 218 -5.60 41.39 8.23
C GLU A 218 -7.07 41.41 8.61
N GLU A 219 -7.96 41.49 7.62
CA GLU A 219 -9.38 41.49 7.92
C GLU A 219 -9.74 40.27 8.75
N PHE A 220 -9.27 39.08 8.32
CA PHE A 220 -9.56 37.87 9.10
C PHE A 220 -8.88 37.90 10.44
N TYR A 221 -7.60 38.31 10.50
CA TYR A 221 -6.88 38.29 11.77
C TYR A 221 -7.53 39.25 12.76
N ARG A 222 -8.01 40.41 12.28
CA ARG A 222 -8.76 41.30 13.15
C ARG A 222 -9.97 40.60 13.74
N GLU A 223 -10.63 39.73 12.95
CA GLU A 223 -11.79 39.02 13.48
C GLU A 223 -11.35 38.04 14.56
N LEU A 224 -10.27 37.28 14.30
CA LEU A 224 -9.68 36.44 15.33
C LEU A 224 -9.33 37.25 16.57
N PHE A 225 -8.77 38.44 16.39
CA PHE A 225 -8.41 39.27 17.52
C PHE A 225 -9.66 39.62 18.32
N ARG A 226 -10.63 40.27 17.67
CA ARG A 226 -11.90 40.64 18.30
C ARG A 226 -12.51 39.51 19.13
N ILE A 227 -12.56 38.28 18.60
CA ILE A 227 -13.30 37.23 19.29
C ILE A 227 -12.49 36.52 20.37
N LEU A 228 -11.21 36.82 20.51
CA LEU A 228 -10.43 36.20 21.56
C LEU A 228 -10.65 36.98 22.84
N LYS A 229 -10.65 36.26 23.97
CA LYS A 229 -10.64 36.89 25.27
C LYS A 229 -9.29 37.55 25.50
N PRO A 230 -9.22 38.56 26.37
CA PRO A 230 -7.93 39.09 26.79
C PRO A 230 -7.08 37.97 27.38
N GLY A 231 -5.79 37.99 27.07
CA GLY A 231 -4.95 36.84 27.41
C GLY A 231 -5.21 35.60 26.58
N GLY A 232 -6.02 35.69 25.54
CA GLY A 232 -6.33 34.52 24.75
C GLY A 232 -5.18 34.11 23.85
N ARG A 233 -5.16 32.83 23.47
CA ARG A 233 -4.04 32.22 22.78
C ARG A 233 -4.43 31.81 21.37
N LEU A 234 -3.54 32.09 20.42
CA LEU A 234 -3.75 31.74 19.03
C LEU A 234 -2.62 30.85 18.57
N PHE A 235 -2.94 29.78 17.86
CA PHE A 235 -1.93 29.11 17.06
C PHE A 235 -2.31 29.28 15.61
N HIS A 236 -1.36 29.72 14.81
CA HIS A 236 -1.56 29.85 13.37
C HIS A 236 -0.53 28.97 12.68
N TYR A 237 -1.00 27.96 11.97
CA TYR A 237 -0.12 27.07 11.23
C TYR A 237 0.50 27.79 10.05
N VAL A 238 1.72 27.40 9.69
CA VAL A 238 2.44 28.01 8.58
C VAL A 238 2.98 26.90 7.69
N GLY A 239 3.58 25.88 8.29
CA GLY A 239 4.13 24.76 7.55
C GLY A 239 5.54 25.01 7.02
N LYS A 248 10.10 30.76 6.07
CA LYS A 248 9.35 31.10 4.87
C LYS A 248 9.17 32.61 4.74
N ASP A 249 8.57 33.03 3.62
CA ASP A 249 8.22 34.43 3.38
C ASP A 249 6.81 34.78 3.83
N LEU A 250 5.93 33.80 3.97
CA LEU A 250 4.59 34.13 4.46
C LEU A 250 4.56 34.17 5.98
N GLN A 251 5.36 33.31 6.63
CA GLN A 251 5.53 33.35 8.08
C GLN A 251 5.82 34.76 8.55
N LYS A 252 6.76 35.41 7.88
CA LYS A 252 6.93 36.84 7.83
C LYS A 252 5.66 37.64 8.00
N GLY A 253 4.90 37.73 6.91
CA GLY A 253 3.69 38.52 6.91
C GLY A 253 2.73 38.09 8.00
N VAL A 254 2.61 36.77 8.21
CA VAL A 254 1.72 36.28 9.27
C VAL A 254 2.12 36.87 10.60
N MET A 255 3.41 36.75 10.96
CA MET A 255 3.87 37.37 12.19
C MET A 255 3.63 38.88 12.14
N GLU A 256 3.93 39.53 11.02
CA GLU A 256 3.77 40.97 10.91
C GLU A 256 2.31 41.39 11.04
N ARG A 257 1.42 40.73 10.29
CA ARG A 257 0.01 41.07 10.30
C ARG A 257 -0.64 40.80 11.65
N LEU A 258 -0.15 39.81 12.37
CA LEU A 258 -0.74 39.54 13.67
C LEU A 258 -0.42 40.64 14.66
N ARG A 259 0.81 41.15 14.64
CA ARG A 259 1.14 42.28 15.51
C ARG A 259 0.35 43.51 15.10
N ARG A 260 0.35 43.85 13.81
CA ARG A 260 -0.42 44.99 13.31
C ARG A 260 -1.84 44.98 13.86
N VAL A 261 -2.47 43.81 13.89
CA VAL A 261 -3.85 43.64 14.34
C VAL A 261 -4.00 43.78 15.86
N GLY A 262 -2.92 43.56 16.62
CA GLY A 262 -2.97 43.74 18.05
C GLY A 262 -2.23 42.67 18.84
N PHE A 263 -1.97 41.52 18.23
CA PHE A 263 -1.40 40.40 18.95
C PHE A 263 0.00 40.72 19.45
N VAL A 264 0.39 40.02 20.52
CA VAL A 264 1.72 40.11 21.10
C VAL A 264 2.21 38.68 21.38
N GLY A 265 3.45 38.56 21.83
CA GLY A 265 4.03 37.23 22.00
C GLY A 265 4.05 36.44 20.72
N VAL A 266 4.09 37.12 19.58
CA VAL A 266 4.04 36.47 18.27
C VAL A 266 5.41 35.86 17.98
N ARG A 267 5.47 34.53 17.86
CA ARG A 267 6.73 33.85 17.54
C ARG A 267 6.49 32.49 16.90
N ARG A 268 7.46 32.06 16.07
CA ARG A 268 7.53 30.67 15.62
C ARG A 268 7.50 29.69 16.78
N VAL A 269 6.78 28.60 16.56
CA VAL A 269 6.95 27.33 17.27
C VAL A 269 7.44 26.33 16.23
N GLU A 270 8.69 25.90 16.37
CA GLU A 270 9.33 25.11 15.33
C GLU A 270 8.69 23.73 15.21
N GLU A 271 8.47 23.06 16.34
CA GLU A 271 7.94 21.68 16.34
C GLU A 271 6.60 21.58 15.62
N ALA A 272 5.71 22.55 15.83
CA ALA A 272 4.37 22.50 15.26
C ALA A 272 4.24 23.26 13.95
N LEU A 273 5.34 23.77 13.40
CA LEU A 273 5.38 24.51 12.13
C LEU A 273 4.28 25.57 12.06
N GLY A 274 4.39 26.53 12.96
CA GLY A 274 3.38 27.55 13.00
C GLY A 274 3.83 28.71 13.85
N VAL A 275 2.87 29.58 14.16
CA VAL A 275 3.11 30.81 14.89
C VAL A 275 2.11 30.86 16.03
N VAL A 276 2.57 31.25 17.21
CA VAL A 276 1.67 31.45 18.32
C VAL A 276 1.55 32.95 18.53
N ALA A 277 0.48 33.34 19.20
CA ALA A 277 0.29 34.76 19.50
C ALA A 277 -0.59 34.84 20.72
N ARG A 278 -0.56 35.98 21.40
N ARG A 278 -0.49 35.97 21.42
CA ARG A 278 -1.38 36.13 22.58
CA ARG A 278 -1.30 36.26 22.59
C ARG A 278 -2.04 37.50 22.54
C ARG A 278 -2.10 37.53 22.35
N LYS A 279 -3.33 37.54 22.83
CA LYS A 279 -4.05 38.81 22.86
C LYS A 279 -3.80 39.48 24.20
N PRO A 280 -3.50 40.80 24.22
CA PRO A 280 -3.00 41.40 25.47
C PRO A 280 -4.07 41.72 26.50
N GLU A 281 -3.75 42.68 27.37
CA GLU A 281 -4.68 43.23 28.36
C GLU A 281 -5.30 42.11 29.20
N LYS A 282 -4.46 41.21 29.68
CA LYS A 282 -4.94 40.10 30.51
C LYS A 282 -5.70 40.60 31.74
N GLU B 2 -9.60 -28.85 -21.11
CA GLU B 2 -8.92 -27.60 -21.42
C GLU B 2 -7.52 -27.60 -20.83
N GLU B 3 -6.83 -28.73 -20.94
CA GLU B 3 -5.50 -28.88 -20.38
C GLU B 3 -4.45 -28.80 -21.49
N ILE B 4 -3.38 -28.09 -21.21
CA ILE B 4 -2.32 -27.83 -22.18
C ILE B 4 -1.18 -28.78 -21.90
N TYR B 5 -0.64 -29.38 -22.95
CA TYR B 5 0.50 -30.30 -22.84
C TYR B 5 1.77 -29.58 -23.23
N TYR B 6 2.73 -29.53 -22.30
CA TYR B 6 4.02 -28.91 -22.54
C TYR B 6 5.01 -29.98 -22.96
N ILE B 7 5.66 -29.77 -24.08
CA ILE B 7 6.69 -30.68 -24.57
C ILE B 7 7.93 -29.88 -24.93
N THR B 8 9.08 -30.42 -24.55
CA THR B 8 10.40 -29.88 -24.83
C THR B 8 11.18 -30.91 -25.64
N PHE B 9 12.40 -30.54 -25.99
CA PHE B 9 13.24 -31.47 -26.74
C PHE B 9 13.29 -32.81 -26.06
N ARG B 10 13.25 -32.82 -24.72
CA ARG B 10 13.36 -34.08 -23.99
C ARG B 10 12.18 -35.01 -24.30
N GLU B 11 10.98 -34.45 -24.37
CA GLU B 11 9.82 -35.29 -24.66
C GLU B 11 9.81 -35.70 -26.12
N ALA B 12 10.09 -34.73 -27.01
CA ALA B 12 10.19 -35.04 -28.43
C ALA B 12 11.21 -36.14 -28.67
N ARG B 13 12.38 -36.04 -28.03
CA ARG B 13 13.36 -37.09 -28.25
C ARG B 13 12.90 -38.42 -27.70
N MET B 14 12.16 -38.43 -26.58
CA MET B 14 11.69 -39.72 -26.06
C MET B 14 10.68 -40.35 -27.00
N LEU B 15 9.79 -39.54 -27.57
CA LEU B 15 8.79 -40.05 -28.49
C LEU B 15 9.45 -40.65 -29.72
N LEU B 16 10.47 -39.99 -30.25
CA LEU B 16 11.14 -40.50 -31.44
C LEU B 16 11.94 -41.75 -31.11
N ALA B 17 12.37 -41.89 -29.86
CA ALA B 17 13.13 -43.08 -29.48
C ALA B 17 12.24 -44.28 -29.20
N SER B 18 10.97 -44.06 -28.89
CA SER B 18 10.04 -45.13 -28.55
C SER B 18 9.16 -45.50 -29.74
N ARG B 19 8.73 -46.74 -29.75
CA ARG B 19 7.62 -47.17 -30.59
C ARG B 19 6.52 -47.72 -29.70
N GLY B 20 5.30 -47.61 -30.17
CA GLY B 20 4.16 -48.00 -29.34
C GLY B 20 3.73 -46.86 -28.46
N ASN B 21 3.66 -47.11 -27.16
CA ASN B 21 3.10 -46.18 -26.20
C ASN B 21 4.16 -45.81 -25.18
N VAL B 22 4.06 -44.61 -24.61
CA VAL B 22 5.11 -44.10 -23.74
C VAL B 22 4.50 -43.13 -22.74
N LYS B 23 5.04 -43.17 -21.51
CA LYS B 23 4.60 -42.34 -20.41
C LYS B 23 5.44 -41.08 -20.39
N LEU B 24 4.78 -39.92 -20.45
CA LEU B 24 5.46 -38.64 -20.59
C LEU B 24 4.94 -37.67 -19.55
N ASN B 25 5.84 -36.86 -19.00
CA ASN B 25 5.40 -35.70 -18.25
C ASN B 25 5.13 -34.56 -19.21
N LEU B 26 3.99 -33.88 -19.01
CA LEU B 26 3.57 -32.83 -19.94
C LEU B 26 3.27 -31.53 -19.22
N ASP B 27 3.95 -31.25 -18.09
CA ASP B 27 3.89 -29.93 -17.49
C ASP B 27 5.26 -29.43 -17.07
N LEU B 28 6.31 -29.85 -17.78
CA LEU B 28 7.67 -29.37 -17.53
C LEU B 28 8.15 -29.79 -16.16
N ARG B 29 7.79 -31.01 -15.77
CA ARG B 29 8.15 -31.62 -14.50
C ARG B 29 7.59 -30.85 -13.32
N LYS B 30 6.53 -30.08 -13.54
CA LYS B 30 5.93 -29.39 -12.39
C LYS B 30 5.23 -30.38 -11.48
N THR B 31 4.71 -31.48 -12.02
CA THR B 31 3.85 -32.37 -11.26
C THR B 31 4.32 -33.82 -11.24
N ASN B 32 5.20 -34.24 -12.16
CA ASN B 32 5.77 -35.59 -12.18
C ASN B 32 4.71 -36.63 -12.54
N ARG B 33 3.44 -36.22 -12.51
CA ARG B 33 2.36 -36.89 -13.21
C ARG B 33 2.77 -37.25 -14.63
N VAL B 34 2.79 -38.54 -14.93
CA VAL B 34 3.08 -39.00 -16.27
C VAL B 34 1.75 -39.35 -16.95
N GLN B 35 1.75 -39.28 -18.28
CA GLN B 35 0.55 -39.53 -19.06
C GLN B 35 0.88 -40.33 -20.31
N GLU B 36 -0.18 -40.89 -20.88
CA GLU B 36 -0.11 -41.89 -21.95
C GLU B 36 -0.17 -41.18 -23.30
N VAL B 37 0.89 -41.33 -24.10
CA VAL B 37 1.00 -40.73 -25.42
C VAL B 37 1.32 -41.84 -26.39
N GLU B 38 0.40 -42.15 -27.31
CA GLU B 38 0.65 -43.19 -28.29
C GLU B 38 1.52 -42.66 -29.41
N ILE B 39 2.42 -43.50 -29.92
CA ILE B 39 3.27 -43.14 -31.04
C ILE B 39 2.85 -44.01 -32.22
N LYS B 40 2.02 -43.45 -33.09
CA LYS B 40 1.77 -44.03 -34.40
C LYS B 40 2.89 -43.63 -35.35
N ASP B 41 2.77 -44.07 -36.61
CA ASP B 41 3.73 -43.64 -37.61
C ASP B 41 3.51 -42.19 -38.01
N GLU B 42 2.26 -41.73 -38.02
CA GLU B 42 1.96 -40.34 -38.33
C GLU B 42 2.58 -39.38 -37.33
N GLY B 43 2.94 -39.85 -36.15
CA GLY B 43 3.41 -39.00 -35.09
C GLY B 43 2.86 -39.46 -33.77
N ALA B 44 2.72 -38.53 -32.83
CA ALA B 44 2.30 -38.84 -31.48
C ALA B 44 0.87 -38.34 -31.25
N VAL B 45 0.03 -39.21 -30.68
CA VAL B 45 -1.35 -38.89 -30.32
C VAL B 45 -1.38 -38.61 -28.82
N PHE B 46 -1.68 -37.38 -28.45
CA PHE B 46 -1.66 -36.95 -27.07
C PHE B 46 -2.99 -37.26 -26.39
N PRO B 47 -3.10 -37.09 -25.06
CA PRO B 47 -4.39 -37.34 -24.41
C PRO B 47 -5.47 -36.43 -24.93
N ASP B 48 -5.07 -35.29 -25.48
CA ASP B 48 -5.97 -34.51 -26.32
C ASP B 48 -6.59 -35.33 -27.43
N GLY B 49 -5.95 -36.44 -27.81
CA GLY B 49 -6.22 -37.05 -29.11
C GLY B 49 -5.70 -36.22 -30.25
N THR B 50 -4.95 -35.17 -29.94
CA THR B 50 -4.25 -34.39 -30.95
C THR B 50 -3.05 -35.17 -31.47
N LEU B 51 -2.96 -35.34 -32.78
CA LEU B 51 -1.78 -35.93 -33.35
C LEU B 51 -0.74 -34.85 -33.59
N VAL B 52 0.44 -35.03 -33.05
CA VAL B 52 1.58 -34.17 -33.33
C VAL B 52 2.45 -34.89 -34.35
N GLU B 53 2.43 -34.39 -35.58
CA GLU B 53 3.08 -35.07 -36.69
C GLU B 53 4.57 -35.25 -36.41
N ARG B 54 5.15 -36.25 -37.09
CA ARG B 54 6.56 -36.59 -36.87
C ARG B 54 7.48 -35.40 -37.09
N GLU B 55 7.26 -34.67 -38.18
CA GLU B 55 8.17 -33.60 -38.55
C GLU B 55 8.23 -32.52 -37.48
N VAL B 56 7.09 -32.22 -36.85
CA VAL B 56 7.06 -31.28 -35.72
C VAL B 56 7.85 -31.84 -34.53
N LEU B 57 7.66 -33.12 -34.23
CA LEU B 57 8.44 -33.74 -33.15
C LEU B 57 9.94 -33.64 -33.39
N GLU B 58 10.36 -33.82 -34.64
CA GLU B 58 11.79 -33.73 -34.93
C GLU B 58 12.26 -32.30 -34.80
N LYS B 59 11.42 -31.34 -35.19
CA LYS B 59 11.78 -29.93 -35.03
C LYS B 59 12.01 -29.59 -33.56
N ILE B 60 11.13 -30.03 -32.68
CA ILE B 60 11.31 -29.78 -31.25
C ILE B 60 12.55 -30.50 -30.74
N ALA B 61 12.67 -31.80 -31.03
CA ALA B 61 13.85 -32.57 -30.62
C ALA B 61 15.14 -31.89 -31.05
N ARG B 62 15.10 -31.13 -32.15
CA ARG B 62 16.25 -30.39 -32.66
C ARG B 62 16.58 -29.18 -31.81
N ASP B 63 15.64 -28.72 -30.98
CA ASP B 63 15.67 -27.39 -30.39
C ASP B 63 15.66 -27.56 -28.88
N ASP B 64 16.85 -27.67 -28.28
CA ASP B 64 16.91 -27.84 -26.84
C ASP B 64 16.83 -26.53 -26.06
N GLY B 65 16.37 -25.45 -26.70
CA GLY B 65 16.35 -24.16 -26.03
C GLY B 65 14.98 -23.52 -25.98
N THR B 66 13.94 -24.25 -26.37
CA THR B 66 12.61 -23.67 -26.47
C THR B 66 11.57 -24.60 -25.88
N VAL B 67 10.57 -24.03 -25.24
CA VAL B 67 9.42 -24.76 -24.75
C VAL B 67 8.31 -24.67 -25.79
N TYR B 68 7.63 -25.79 -26.00
CA TYR B 68 6.49 -25.84 -26.89
C TYR B 68 5.29 -26.34 -26.10
N PHE B 69 4.09 -26.06 -26.61
CA PHE B 69 2.91 -26.65 -26.02
C PHE B 69 1.88 -26.91 -27.10
N VAL B 70 1.01 -27.87 -26.83
CA VAL B 70 -0.10 -28.18 -27.71
C VAL B 70 -1.38 -27.90 -26.93
N SER B 71 -2.21 -27.02 -27.48
CA SER B 71 -3.54 -26.76 -26.96
C SER B 71 -4.45 -26.47 -28.13
N ASN B 72 -5.73 -26.82 -27.97
CA ASN B 72 -6.72 -26.70 -29.06
C ASN B 72 -6.18 -27.37 -30.32
N GLY B 73 -5.45 -28.46 -30.13
CA GLY B 73 -4.92 -29.23 -31.22
C GLY B 73 -3.78 -28.59 -31.98
N GLY B 74 -3.28 -27.44 -31.55
CA GLY B 74 -2.22 -26.73 -32.26
C GLY B 74 -0.96 -26.71 -31.42
N VAL B 75 0.17 -26.92 -32.07
CA VAL B 75 1.47 -26.86 -31.41
C VAL B 75 1.99 -25.44 -31.50
N TYR B 76 2.50 -24.91 -30.39
CA TYR B 76 2.88 -23.50 -30.31
C TYR B 76 4.20 -23.38 -29.56
N LYS B 77 4.93 -22.32 -29.86
CA LYS B 77 6.12 -21.97 -29.11
C LYS B 77 5.72 -21.13 -27.91
N ALA B 78 6.30 -21.46 -26.76
CA ALA B 78 6.13 -20.64 -25.56
C ALA B 78 7.07 -19.45 -25.71
N ALA B 79 6.68 -18.54 -26.60
CA ALA B 79 7.49 -17.39 -26.95
C ALA B 79 6.57 -16.23 -27.31
N ILE B 80 7.09 -15.01 -27.14
CA ILE B 80 6.38 -13.78 -27.46
C ILE B 80 7.29 -12.95 -28.34
N ALA B 81 6.75 -12.38 -29.41
CA ALA B 81 7.48 -11.48 -30.29
C ALA B 81 6.83 -10.10 -30.23
N GLY B 82 7.37 -9.20 -29.41
CA GLY B 82 6.88 -7.86 -29.28
C GLY B 82 7.84 -6.86 -29.91
N GLU B 83 7.44 -5.59 -29.86
CA GLU B 83 8.34 -4.53 -30.31
C GLU B 83 9.56 -4.40 -29.42
N SER B 84 9.53 -5.01 -28.23
CA SER B 84 10.68 -5.16 -27.35
C SER B 84 11.50 -6.40 -27.67
N GLY B 85 11.53 -6.83 -28.94
CA GLY B 85 12.22 -8.04 -29.27
C GLY B 85 11.41 -9.28 -28.94
N PHE B 86 12.09 -10.42 -28.99
CA PHE B 86 11.43 -11.70 -28.88
C PHE B 86 11.70 -12.28 -27.50
N TYR B 87 10.65 -12.76 -26.86
CA TYR B 87 10.73 -13.37 -25.54
C TYR B 87 10.37 -14.84 -25.65
N LYS B 88 11.10 -15.70 -24.93
CA LYS B 88 10.76 -17.11 -24.99
C LYS B 88 11.13 -17.80 -23.69
N LEU B 89 10.31 -18.77 -23.31
CA LEU B 89 10.49 -19.56 -22.11
C LEU B 89 11.36 -20.78 -22.43
N VAL B 90 12.43 -20.97 -21.69
CA VAL B 90 13.38 -22.00 -22.10
C VAL B 90 13.23 -23.21 -21.21
N PRO B 91 13.38 -24.41 -21.77
CA PRO B 91 13.06 -25.63 -21.02
C PRO B 91 14.08 -26.00 -19.95
N THR B 92 14.69 -25.01 -19.30
CA THR B 92 15.49 -25.37 -18.16
C THR B 92 14.59 -25.85 -17.02
N ILE B 93 15.19 -26.23 -15.92
CA ILE B 93 14.44 -26.74 -14.78
C ILE B 93 14.95 -26.00 -13.55
N PRO B 94 14.23 -24.97 -13.07
CA PRO B 94 12.93 -24.47 -13.52
C PRO B 94 13.06 -23.67 -14.80
N PRO B 95 12.00 -23.60 -15.60
CA PRO B 95 12.05 -22.79 -16.82
C PRO B 95 12.55 -21.40 -16.52
N THR B 96 13.39 -20.88 -17.40
CA THR B 96 13.81 -19.50 -17.32
C THR B 96 13.36 -18.78 -18.58
N ILE B 97 13.56 -17.46 -18.59
CA ILE B 97 13.13 -16.61 -19.69
C ILE B 97 14.35 -16.07 -20.42
N GLU B 98 14.29 -16.08 -21.75
CA GLU B 98 15.42 -15.65 -22.57
C GLU B 98 14.97 -14.52 -23.48
N ILE B 99 15.63 -13.37 -23.37
CA ILE B 99 15.29 -12.18 -24.13
C ILE B 99 16.36 -11.96 -25.19
N ASN B 100 15.95 -12.03 -26.45
CA ASN B 100 16.82 -11.77 -27.58
C ASN B 100 18.11 -12.58 -27.48
N GLY B 101 17.96 -13.83 -27.02
CA GLY B 101 19.07 -14.76 -26.95
C GLY B 101 20.11 -14.48 -25.88
N ILE B 102 19.70 -13.99 -24.71
CA ILE B 102 20.63 -13.74 -23.62
C ILE B 102 20.27 -14.58 -22.39
N MET B 110 24.22 -25.29 -10.22
CA MET B 110 23.31 -24.17 -10.04
C MET B 110 22.40 -24.34 -8.81
N ASN B 111 21.43 -25.24 -8.92
CA ASN B 111 20.35 -25.38 -7.95
C ASN B 111 19.61 -24.07 -7.67
N PRO B 112 18.98 -23.47 -8.69
CA PRO B 112 18.22 -22.25 -8.43
C PRO B 112 17.01 -22.50 -7.56
N LEU B 113 16.52 -23.73 -7.54
CA LEU B 113 15.34 -24.08 -6.77
C LEU B 113 15.56 -23.82 -5.29
N GLN B 114 16.68 -24.35 -4.77
CA GLN B 114 17.04 -24.07 -3.39
C GLN B 114 17.40 -22.61 -3.19
N ASP B 115 18.04 -22.01 -4.20
CA ASP B 115 18.45 -20.62 -4.08
C ASP B 115 17.24 -19.71 -3.85
N THR B 116 16.16 -19.98 -4.57
CA THR B 116 14.89 -19.29 -4.29
C THR B 116 14.43 -19.56 -2.87
N ARG B 117 14.44 -20.83 -2.47
CA ARG B 117 14.06 -21.16 -1.10
C ARG B 117 14.92 -20.40 -0.10
N ASN B 118 16.25 -20.48 -0.28
CA ASN B 118 17.17 -19.80 0.64
C ASN B 118 16.88 -18.31 0.70
N LYS B 119 16.58 -17.70 -0.44
CA LYS B 119 16.30 -16.26 -0.48
C LYS B 119 15.12 -15.91 0.41
N VAL B 120 14.00 -16.60 0.24
CA VAL B 120 12.82 -16.40 1.07
C VAL B 120 13.09 -16.86 2.50
N ASN B 121 13.95 -17.85 2.66
CA ASN B 121 14.25 -18.43 3.95
C ASN B 121 14.94 -17.42 4.87
N THR B 122 15.43 -16.30 4.32
CA THR B 122 16.14 -15.32 5.13
C THR B 122 15.19 -14.39 5.89
N VAL B 123 13.99 -14.17 5.36
CA VAL B 123 13.01 -13.33 6.02
C VAL B 123 11.81 -14.10 6.54
N MET B 124 11.72 -15.42 6.27
CA MET B 124 10.58 -16.29 6.58
C MET B 124 9.24 -15.57 6.76
N PRO B 125 8.50 -15.35 5.68
CA PRO B 125 7.18 -14.74 5.81
C PRO B 125 6.17 -15.72 6.39
N ARG B 126 5.30 -15.22 7.26
CA ARG B 126 4.32 -16.03 7.98
C ARG B 126 2.92 -15.85 7.38
N GLU B 127 1.96 -16.59 7.92
CA GLU B 127 0.60 -16.58 7.38
C GLU B 127 -0.03 -15.18 7.45
N GLY B 128 0.05 -14.54 8.60
CA GLY B 128 -0.55 -13.21 8.68
C GLY B 128 0.34 -12.09 8.20
N GLU B 129 0.93 -12.20 7.00
CA GLU B 129 2.00 -11.27 6.62
C GLU B 129 1.90 -10.89 5.14
N THR B 130 2.48 -9.74 4.83
CA THR B 130 2.52 -9.21 3.48
C THR B 130 3.97 -9.00 3.07
N VAL B 131 4.34 -9.52 1.90
CA VAL B 131 5.69 -9.34 1.36
C VAL B 131 5.61 -8.51 0.08
N LEU B 132 6.57 -7.60 -0.09
CA LEU B 132 6.81 -6.98 -1.38
C LEU B 132 7.92 -7.74 -2.08
N ASP B 133 7.65 -8.18 -3.29
CA ASP B 133 8.67 -8.77 -4.15
C ASP B 133 8.94 -7.78 -5.28
N THR B 134 10.09 -7.13 -5.26
CA THR B 134 10.23 -5.95 -6.12
C THR B 134 10.51 -6.27 -7.59
N CYS B 135 11.03 -7.47 -7.88
N CYS B 135 11.05 -7.45 -7.88
CA CYS B 135 11.35 -7.86 -9.25
CA CYS B 135 11.33 -7.85 -9.26
C CYS B 135 10.79 -9.26 -9.49
C CYS B 135 10.78 -9.25 -9.47
N MET B 136 9.59 -9.34 -10.07
CA MET B 136 8.99 -10.62 -10.41
C MET B 136 9.94 -11.55 -11.13
N GLY B 137 10.34 -11.17 -12.34
CA GLY B 137 10.80 -12.18 -13.29
C GLY B 137 9.67 -13.15 -13.56
N LEU B 138 10.01 -14.44 -13.66
CA LEU B 138 8.98 -15.44 -13.77
C LEU B 138 8.25 -15.69 -12.46
N GLY B 139 8.62 -14.99 -11.39
CA GLY B 139 7.83 -15.00 -10.17
C GLY B 139 8.13 -16.11 -9.20
N TYR B 140 9.29 -16.77 -9.33
CA TYR B 140 9.61 -17.89 -8.46
C TYR B 140 9.76 -17.47 -7.01
N THR B 141 10.29 -16.28 -6.75
CA THR B 141 10.44 -15.83 -5.37
C THR B 141 9.08 -15.50 -4.76
N ALA B 142 8.28 -14.72 -5.49
CA ALA B 142 6.94 -14.40 -5.05
C ALA B 142 6.14 -15.66 -4.77
N ILE B 143 6.37 -16.69 -5.55
CA ILE B 143 5.64 -17.94 -5.37
C ILE B 143 6.02 -18.56 -4.05
N GLU B 144 7.33 -18.82 -3.88
CA GLU B 144 7.87 -19.37 -2.65
C GLU B 144 7.44 -18.55 -1.45
N ALA B 145 7.50 -17.22 -1.56
CA ALA B 145 7.11 -16.37 -0.46
C ALA B 145 5.67 -16.63 -0.06
N SER B 146 4.77 -16.85 -1.02
CA SER B 146 3.36 -17.02 -0.66
C SER B 146 3.07 -18.40 -0.12
N LYS B 147 3.81 -19.40 -0.59
CA LYS B 147 3.64 -20.76 -0.08
C LYS B 147 3.95 -20.83 1.41
N ARG B 148 4.68 -19.84 1.93
CA ARG B 148 4.81 -19.66 3.35
C ARG B 148 3.54 -19.13 3.99
N GLY B 149 2.53 -18.83 3.20
CA GLY B 149 1.29 -18.28 3.71
C GLY B 149 1.21 -16.77 3.69
N ALA B 150 2.11 -16.09 2.98
CA ALA B 150 2.13 -14.63 2.94
C ALA B 150 1.40 -14.11 1.71
N TYR B 151 0.71 -13.00 1.88
CA TYR B 151 0.23 -12.24 0.75
C TYR B 151 1.42 -11.56 0.10
N VAL B 152 1.53 -11.67 -1.21
CA VAL B 152 2.70 -11.21 -1.93
C VAL B 152 2.28 -10.19 -2.98
N ILE B 153 2.97 -9.07 -2.98
CA ILE B 153 2.87 -8.08 -4.04
C ILE B 153 4.18 -8.18 -4.80
N THR B 154 4.10 -8.47 -6.10
CA THR B 154 5.30 -8.60 -6.91
C THR B 154 5.20 -7.64 -8.09
N ILE B 155 6.31 -7.01 -8.43
CA ILE B 155 6.35 -5.96 -9.45
C ILE B 155 7.23 -6.41 -10.61
N GLU B 156 6.68 -6.36 -11.83
CA GLU B 156 7.43 -6.63 -13.05
C GLU B 156 7.36 -5.42 -13.97
N LYS B 157 8.52 -4.94 -14.41
CA LYS B 157 8.54 -3.81 -15.33
C LYS B 157 8.08 -4.20 -16.72
N ASP B 158 8.48 -5.36 -17.20
CA ASP B 158 8.26 -5.70 -18.61
C ASP B 158 6.96 -6.44 -18.78
N PRO B 159 6.02 -5.92 -19.60
CA PRO B 159 4.78 -6.66 -19.86
C PRO B 159 5.00 -8.02 -20.50
N ASN B 160 6.04 -8.16 -21.33
CA ASN B 160 6.29 -9.44 -22.02
C ASN B 160 6.84 -10.50 -21.08
N VAL B 161 7.44 -10.10 -19.97
CA VAL B 161 7.84 -11.08 -18.95
C VAL B 161 6.61 -11.58 -18.22
N ILE B 162 5.58 -10.75 -18.11
CA ILE B 162 4.34 -11.19 -17.49
C ILE B 162 3.60 -12.17 -18.40
N GLU B 163 3.61 -11.92 -19.71
CA GLU B 163 2.95 -12.85 -20.62
C GLU B 163 3.69 -14.19 -20.70
N ILE B 164 5.02 -14.17 -20.66
CA ILE B 164 5.75 -15.44 -20.63
C ILE B 164 5.40 -16.23 -19.36
N ALA B 165 5.24 -15.52 -18.23
CA ALA B 165 4.83 -16.19 -17.01
C ALA B 165 3.43 -16.78 -17.12
N ARG B 166 2.55 -16.13 -17.88
CA ARG B 166 1.19 -16.64 -18.03
C ARG B 166 1.19 -18.02 -18.64
N ILE B 167 2.14 -18.32 -19.52
CA ILE B 167 2.14 -19.62 -20.15
C ILE B 167 3.12 -20.57 -19.45
N ASN B 168 3.86 -20.09 -18.46
CA ASN B 168 4.75 -20.94 -17.70
C ASN B 168 3.96 -21.75 -16.68
N PRO B 169 4.04 -23.07 -16.68
CA PRO B 169 3.36 -23.84 -15.62
C PRO B 169 4.00 -23.68 -14.25
N TRP B 170 5.28 -23.34 -14.16
CA TRP B 170 5.86 -23.08 -12.85
C TRP B 170 5.51 -21.72 -12.30
N SER B 171 4.77 -20.90 -13.04
CA SER B 171 4.40 -19.56 -12.61
C SER B 171 2.92 -19.42 -12.30
N ARG B 172 2.18 -20.53 -12.31
CA ARG B 172 0.72 -20.49 -12.28
C ARG B 172 0.17 -19.72 -11.09
N GLU B 173 0.76 -19.88 -9.92
CA GLU B 173 0.11 -19.22 -8.79
C GLU B 173 0.21 -17.69 -8.84
N LEU B 174 0.91 -17.12 -9.82
CA LEU B 174 0.87 -15.66 -9.95
C LEU B 174 -0.51 -15.15 -10.36
N PHE B 175 -1.31 -15.99 -11.02
CA PHE B 175 -2.50 -15.53 -11.73
C PHE B 175 -3.79 -16.15 -11.24
N THR B 176 -3.74 -16.92 -10.15
CA THR B 176 -4.96 -17.49 -9.60
C THR B 176 -4.68 -17.75 -8.13
N GLY B 177 -5.67 -17.51 -7.28
CA GLY B 177 -5.57 -17.79 -5.86
C GLY B 177 -5.61 -16.57 -4.97
N GLY B 178 -5.30 -15.39 -5.48
CA GLY B 178 -5.45 -14.17 -4.71
C GLY B 178 -4.40 -13.90 -3.66
N LYS B 179 -3.42 -14.79 -3.48
CA LYS B 179 -2.31 -14.52 -2.60
C LYS B 179 -1.24 -13.65 -3.24
N ILE B 180 -1.16 -13.60 -4.57
CA ILE B 180 -0.09 -12.88 -5.26
C ILE B 180 -0.69 -11.75 -6.07
N GLN B 181 -0.22 -10.53 -5.82
CA GLN B 181 -0.63 -9.36 -6.57
C GLN B 181 0.49 -8.98 -7.52
N VAL B 182 0.16 -8.90 -8.80
CA VAL B 182 1.11 -8.57 -9.84
C VAL B 182 0.92 -7.12 -10.21
N ILE B 183 1.95 -6.30 -9.98
CA ILE B 183 1.95 -4.93 -10.45
C ILE B 183 2.93 -4.86 -11.61
N GLN B 184 2.52 -4.23 -12.70
CA GLN B 184 3.41 -3.88 -13.78
C GLN B 184 3.81 -2.41 -13.66
N GLY B 185 5.11 -2.14 -13.51
CA GLY B 185 5.59 -0.78 -13.53
C GLY B 185 7.04 -0.69 -13.07
N ASP B 186 7.51 0.56 -12.97
CA ASP B 186 8.76 0.85 -12.28
C ASP B 186 8.64 0.50 -10.81
N ALA B 187 9.46 -0.46 -10.38
CA ALA B 187 9.69 -0.65 -8.96
C ALA B 187 9.97 0.68 -8.28
N PHE B 188 10.89 1.47 -8.85
CA PHE B 188 11.26 2.74 -8.25
C PHE B 188 10.07 3.68 -8.08
N GLU B 189 9.11 3.63 -8.99
CA GLU B 189 8.00 4.56 -8.89
C GLU B 189 6.85 3.98 -8.08
N VAL B 190 6.57 2.68 -8.22
CA VAL B 190 5.44 2.07 -7.53
C VAL B 190 5.62 2.16 -6.01
N VAL B 191 6.84 1.92 -5.52
CA VAL B 191 7.06 1.98 -4.08
C VAL B 191 6.84 3.37 -3.53
N LYS B 192 6.94 4.42 -4.36
CA LYS B 192 6.59 5.74 -3.88
C LYS B 192 5.11 5.89 -3.59
N LYS B 193 4.27 5.08 -4.21
CA LYS B 193 2.83 5.20 -3.99
C LYS B 193 2.32 4.32 -2.85
N PHE B 194 3.09 3.33 -2.41
CA PHE B 194 2.64 2.47 -1.32
C PHE B 194 2.51 3.25 -0.02
N LYS B 195 1.67 2.75 0.87
CA LYS B 195 1.53 3.44 2.13
C LYS B 195 2.70 3.10 3.04
N GLN B 196 2.93 3.98 4.00
CA GLN B 196 3.86 3.72 5.10
C GLN B 196 3.44 2.47 5.87
N ALA B 197 4.43 1.66 6.26
CA ALA B 197 4.21 0.47 7.08
C ALA B 197 3.12 -0.43 6.47
N SER B 198 3.34 -0.83 5.24
CA SER B 198 2.38 -1.71 4.57
C SER B 198 2.95 -3.09 4.28
N PHE B 199 4.23 -3.34 4.53
CA PHE B 199 4.86 -4.64 4.28
C PHE B 199 5.61 -5.12 5.52
N ASP B 200 5.34 -6.36 5.92
CA ASP B 200 6.17 -7.01 6.93
C ASP B 200 7.54 -7.39 6.38
N VAL B 201 7.63 -7.60 5.07
CA VAL B 201 8.82 -8.17 4.43
C VAL B 201 8.96 -7.61 3.03
N ILE B 202 10.17 -7.23 2.68
CA ILE B 202 10.49 -6.87 1.31
C ILE B 202 11.63 -7.78 0.85
N ILE B 203 11.50 -8.33 -0.36
CA ILE B 203 12.56 -9.14 -0.98
C ILE B 203 12.99 -8.39 -2.23
N HIS B 204 14.19 -7.84 -2.21
CA HIS B 204 14.66 -6.93 -3.23
C HIS B 204 15.77 -7.63 -3.99
N ASP B 205 15.47 -8.09 -5.19
CA ASP B 205 16.40 -8.88 -5.99
C ASP B 205 16.54 -8.25 -7.36
N PRO B 206 17.16 -7.07 -7.44
CA PRO B 206 17.22 -6.34 -8.70
C PRO B 206 18.29 -6.91 -9.63
N PRO B 207 18.35 -6.42 -10.88
CA PRO B 207 19.54 -6.67 -11.71
C PRO B 207 20.81 -6.06 -11.12
N ARG B 208 21.95 -6.20 -11.79
CA ARG B 208 23.20 -5.69 -11.22
C ARG B 208 23.23 -4.16 -11.31
N PHE B 209 24.24 -3.56 -10.66
CA PHE B 209 24.24 -2.11 -10.47
C PHE B 209 24.29 -1.37 -11.80
N SER B 210 25.25 -1.71 -12.67
CA SER B 210 25.36 -1.02 -13.95
C SER B 210 24.08 -1.17 -14.76
N LEU B 211 23.49 -2.37 -14.77
CA LEU B 211 22.31 -2.61 -15.58
C LEU B 211 21.16 -1.67 -15.21
N ALA B 212 21.11 -1.23 -13.95
CA ALA B 212 20.14 -0.23 -13.48
C ALA B 212 20.46 0.18 -12.04
N GLY B 213 21.09 1.34 -11.87
CA GLY B 213 21.60 1.74 -10.56
C GLY B 213 20.63 2.44 -9.63
N HIS B 214 19.51 2.94 -10.17
CA HIS B 214 18.50 3.60 -9.35
C HIS B 214 17.97 2.69 -8.26
N LEU B 215 17.87 1.38 -8.53
CA LEU B 215 17.37 0.41 -7.57
C LEU B 215 18.36 0.13 -6.45
N TYR B 216 19.44 0.89 -6.36
CA TYR B 216 20.45 0.76 -5.33
C TYR B 216 20.62 2.05 -4.55
N SER B 217 19.77 3.03 -4.81
CA SER B 217 20.04 4.41 -4.44
C SER B 217 19.62 4.72 -3.02
N GLU B 218 19.93 5.93 -2.59
CA GLU B 218 19.49 6.40 -1.30
C GLU B 218 17.97 6.52 -1.27
N GLU B 219 17.41 7.24 -2.25
CA GLU B 219 15.96 7.43 -2.29
C GLU B 219 15.23 6.10 -2.28
N PHE B 220 15.70 5.12 -3.07
CA PHE B 220 14.95 3.87 -3.15
C PHE B 220 14.97 3.14 -1.81
N TYR B 221 16.11 3.11 -1.12
CA TYR B 221 16.15 2.49 0.19
C TYR B 221 15.27 3.25 1.18
N ARG B 222 15.21 4.58 1.06
CA ARG B 222 14.32 5.37 1.92
C ARG B 222 12.87 4.93 1.74
N GLU B 223 12.43 4.69 0.50
CA GLU B 223 11.06 4.25 0.28
C GLU B 223 10.86 2.84 0.81
N LEU B 224 11.83 1.95 0.57
CA LEU B 224 11.75 0.62 1.15
C LEU B 224 11.62 0.70 2.67
N PHE B 225 12.39 1.57 3.30
CA PHE B 225 12.29 1.79 4.74
C PHE B 225 10.92 2.27 5.15
N ARG B 226 10.33 3.18 4.37
CA ARG B 226 9.06 3.79 4.75
C ARG B 226 7.92 2.79 4.69
N ILE B 227 7.85 2.01 3.61
CA ILE B 227 6.72 1.10 3.41
C ILE B 227 6.84 -0.18 4.22
N LEU B 228 7.96 -0.40 4.89
CA LEU B 228 8.10 -1.51 5.82
C LEU B 228 7.42 -1.18 7.14
N LYS B 229 6.83 -2.20 7.76
CA LYS B 229 6.32 -2.04 9.10
C LYS B 229 7.47 -2.03 10.10
N PRO B 230 7.27 -1.42 11.27
CA PRO B 230 8.25 -1.56 12.36
C PRO B 230 8.54 -3.03 12.62
N GLY B 231 9.81 -3.35 12.84
CA GLY B 231 10.19 -4.75 12.90
C GLY B 231 10.07 -5.49 11.58
N GLY B 232 9.81 -4.78 10.49
CA GLY B 232 9.79 -5.42 9.19
C GLY B 232 11.17 -5.89 8.78
N ARG B 233 11.18 -6.86 7.87
CA ARG B 233 12.39 -7.53 7.44
C ARG B 233 12.64 -7.30 5.95
N LEU B 234 13.88 -7.05 5.61
CA LEU B 234 14.25 -6.82 4.22
C LEU B 234 15.38 -7.76 3.83
N PHE B 235 15.29 -8.32 2.62
CA PHE B 235 16.39 -9.04 2.02
C PHE B 235 16.77 -8.33 0.74
N HIS B 236 18.08 -8.11 0.54
CA HIS B 236 18.60 -7.45 -0.64
C HIS B 236 19.67 -8.32 -1.26
N TYR B 237 19.47 -8.77 -2.51
CA TYR B 237 20.43 -9.62 -3.19
C TYR B 237 21.64 -8.83 -3.67
N VAL B 238 22.79 -9.51 -3.74
CA VAL B 238 24.01 -8.91 -4.27
C VAL B 238 23.88 -8.67 -5.78
N ASP B 249 31.37 -7.63 -6.45
N ASP B 249 31.34 -8.06 -6.28
CA ASP B 249 32.39 -7.51 -5.41
CA ASP B 249 32.40 -7.76 -5.32
C ASP B 249 31.80 -7.18 -4.06
C ASP B 249 31.81 -7.30 -3.99
N LEU B 250 32.65 -6.71 -3.15
CA LEU B 250 32.20 -6.18 -1.85
C LEU B 250 31.77 -4.74 -2.04
N GLN B 251 30.57 -4.59 -2.61
CA GLN B 251 29.81 -3.37 -2.48
C GLN B 251 29.28 -3.29 -1.05
N LYS B 252 30.21 -3.04 -0.12
CA LYS B 252 29.89 -2.55 1.22
C LYS B 252 28.91 -1.39 1.19
N GLY B 253 28.88 -0.64 0.09
CA GLY B 253 28.04 0.55 0.02
C GLY B 253 26.57 0.27 0.25
N VAL B 254 26.09 -0.90 -0.15
CA VAL B 254 24.68 -1.20 0.03
C VAL B 254 24.35 -1.27 1.51
N MET B 255 25.16 -2.00 2.30
CA MET B 255 24.84 -2.18 3.71
C MET B 255 24.86 -0.86 4.49
N GLU B 256 25.86 0.00 4.24
CA GLU B 256 25.85 1.28 4.93
C GLU B 256 24.68 2.16 4.47
N ARG B 257 24.22 1.97 3.23
CA ARG B 257 23.15 2.81 2.72
C ARG B 257 21.80 2.40 3.31
N LEU B 258 21.57 1.10 3.56
CA LEU B 258 20.44 0.71 4.37
C LEU B 258 20.50 1.34 5.75
N ARG B 259 21.69 1.43 6.34
CA ARG B 259 21.81 1.97 7.68
C ARG B 259 21.62 3.48 7.70
N ARG B 260 22.07 4.17 6.65
CA ARG B 260 21.90 5.62 6.62
C ARG B 260 20.42 6.00 6.53
N VAL B 261 19.63 5.26 5.74
CA VAL B 261 18.20 5.54 5.65
C VAL B 261 17.44 5.07 6.88
N GLY B 262 18.08 4.33 7.77
CA GLY B 262 17.51 4.00 9.08
C GLY B 262 17.45 2.52 9.44
N PHE B 263 17.78 1.60 8.55
CA PHE B 263 17.66 0.18 8.86
C PHE B 263 18.63 -0.23 9.96
N VAL B 264 18.23 -1.23 10.73
CA VAL B 264 19.08 -1.78 11.78
C VAL B 264 19.20 -3.29 11.59
N GLY B 265 20.12 -3.88 12.34
CA GLY B 265 20.47 -5.28 12.20
C GLY B 265 20.91 -5.60 10.79
N VAL B 266 21.76 -4.75 10.22
CA VAL B 266 22.11 -4.84 8.81
C VAL B 266 23.38 -5.69 8.72
N ARG B 267 23.21 -6.98 8.41
CA ARG B 267 24.33 -7.89 8.28
C ARG B 267 24.09 -8.78 7.08
N ARG B 268 25.15 -9.42 6.59
CA ARG B 268 25.02 -10.15 5.35
C ARG B 268 24.92 -11.65 5.59
N VAL B 269 24.18 -12.33 4.72
CA VAL B 269 23.99 -13.77 4.76
C VAL B 269 24.68 -14.37 3.55
N GLU B 270 25.52 -15.37 3.79
CA GLU B 270 26.30 -15.95 2.70
C GLU B 270 25.48 -16.93 1.88
N GLU B 271 24.72 -17.80 2.54
CA GLU B 271 24.09 -18.93 1.86
C GLU B 271 23.16 -18.47 0.75
N ALA B 272 22.62 -17.26 0.85
CA ALA B 272 21.79 -16.69 -0.21
C ALA B 272 22.47 -15.52 -0.93
N LEU B 273 23.70 -15.18 -0.55
CA LEU B 273 24.43 -14.03 -1.09
C LEU B 273 23.57 -12.77 -1.07
N GLY B 274 23.23 -12.33 0.14
CA GLY B 274 22.42 -11.14 0.28
C GLY B 274 22.64 -10.49 1.63
N VAL B 275 21.96 -9.35 1.81
CA VAL B 275 21.96 -8.58 3.04
C VAL B 275 20.55 -8.65 3.62
N VAL B 276 20.45 -8.83 4.93
CA VAL B 276 19.18 -8.83 5.63
C VAL B 276 19.16 -7.64 6.58
N ALA B 277 18.00 -7.00 6.72
CA ALA B 277 17.90 -5.77 7.48
C ALA B 277 16.55 -5.71 8.19
N ARG B 278 16.51 -4.91 9.26
CA ARG B 278 15.31 -4.76 10.08
C ARG B 278 14.88 -3.29 10.12
N LYS B 279 13.57 -3.07 10.10
CA LYS B 279 13.20 -1.68 10.42
C LYS B 279 13.04 -1.54 11.93
N PRO B 280 13.51 -0.43 12.54
CA PRO B 280 13.51 -0.32 14.01
C PRO B 280 12.13 -0.29 14.65
N GLU B 281 12.09 -0.23 15.98
CA GLU B 281 10.86 -0.21 16.76
C GLU B 281 9.96 -1.38 16.40
NA NA C . -7.93 22.85 12.68
NA NA D . -7.81 13.50 17.51
NA NA E . -7.91 18.66 12.06
NA NA F . -13.40 30.87 4.37
NA NA G . -19.21 1.23 -3.71
NA NA H . -4.93 27.97 30.53
#